data_1DBN
#
_entry.id   1DBN
#
_cell.length_a   80.742
_cell.length_b   88.450
_cell.length_c   84.496
_cell.angle_alpha   90.00
_cell.angle_beta   90.00
_cell.angle_gamma   90.00
#
_symmetry.space_group_name_H-M   'P 21 21 2'
#
loop_
_entity.id
_entity.type
_entity.pdbx_description
1 polymer 'PROTEIN (LEUKOAGGLUTININ)'
2 branched 'N-acetyl-alpha-neuraminic acid-(2-3)-beta-D-galactopyranose-(1-4)-beta-D-glucopyranose'
3 non-polymer 2-acetamido-2-deoxy-beta-D-glucopyranose
4 non-polymer 'CALCIUM ION'
5 non-polymer 'MANGANESE (II) ION'
6 water water
#
_entity_poly.entity_id   1
_entity_poly.type   'polypeptide(L)'
_entity_poly.pdbx_seq_one_letter_code
;SDELSFTINNFVPNEADLLFQGEASVSSTGVLQLTKVENGQPQKYSVGRALYAAPVRIWGNTTGSVASFSTSFTFVVKAP
NPDITSDGLAFYLAPPDSQIPSGSVSKYLGLFNNSNSDSSNQIVAVEFDTYFAHSYDPWDPNYRHIGIDVNGIESIKTVQ
WDWINGGVAFATITYLAPNKTLIASLVYPSNQTTFSVAASVDLKEILPEWVRVGFSAATGYPTEVETHDVLSWSFTSTL
;
_entity_poly.pdbx_strand_id   A,B
#
loop_
_chem_comp.id
_chem_comp.type
_chem_comp.name
_chem_comp.formula
BGC D-saccharide, beta linking beta-D-glucopyranose 'C6 H12 O6'
CA non-polymer 'CALCIUM ION' 'Ca 2'
GAL D-saccharide, beta linking beta-D-galactopyranose 'C6 H12 O6'
MN non-polymer 'MANGANESE (II) ION' 'Mn 2'
NAG D-saccharide, beta linking 2-acetamido-2-deoxy-beta-D-glucopyranose 'C8 H15 N O6'
SIA D-saccharide, alpha linking 'N-acetyl-alpha-neuraminic acid' 'C11 H19 N O9'
#
# COMPACT_ATOMS: atom_id res chain seq x y z
N SER A 1 -5.07 13.90 -21.40
CA SER A 1 -4.79 12.44 -21.26
C SER A 1 -5.85 11.77 -20.38
N ASP A 2 -6.31 10.59 -20.78
CA ASP A 2 -7.32 9.85 -20.01
C ASP A 2 -6.66 8.75 -19.21
N GLU A 3 -5.40 8.48 -19.55
CA GLU A 3 -4.63 7.45 -18.87
C GLU A 3 -3.18 7.85 -19.09
N LEU A 4 -2.41 7.95 -18.00
CA LEU A 4 -1.00 8.30 -18.09
C LEU A 4 -0.22 7.34 -17.20
N SER A 5 0.87 6.81 -17.71
CA SER A 5 1.65 5.89 -16.92
C SER A 5 3.10 5.97 -17.29
N PHE A 6 3.97 6.13 -16.30
CA PHE A 6 5.39 6.18 -16.58
C PHE A 6 6.19 5.56 -15.45
N THR A 7 7.28 4.90 -15.82
CA THR A 7 8.15 4.26 -14.86
C THR A 7 9.58 4.70 -15.13
N ILE A 8 10.24 5.21 -14.12
CA ILE A 8 11.63 5.65 -14.26
C ILE A 8 12.45 4.78 -13.30
N ASN A 9 13.10 3.75 -13.83
CA ASN A 9 13.90 2.87 -12.99
C ASN A 9 15.25 3.47 -12.63
N ASN A 10 15.76 4.30 -13.52
CA ASN A 10 17.04 4.95 -13.28
C ASN A 10 17.01 6.36 -13.86
N PHE A 11 17.31 7.33 -13.02
CA PHE A 11 17.32 8.71 -13.46
C PHE A 11 18.60 8.96 -14.22
N VAL A 12 18.56 9.94 -15.12
CA VAL A 12 19.69 10.29 -15.96
C VAL A 12 19.97 11.77 -15.76
N PRO A 13 21.25 12.18 -15.87
CA PRO A 13 21.60 13.60 -15.70
C PRO A 13 20.80 14.50 -16.64
N ASN A 14 20.21 15.56 -16.08
CA ASN A 14 19.39 16.50 -16.83
C ASN A 14 18.21 15.83 -17.53
N GLU A 15 17.77 14.69 -16.98
CA GLU A 15 16.65 13.90 -17.52
C GLU A 15 15.60 14.77 -18.21
N ALA A 16 15.50 14.63 -19.52
CA ALA A 16 14.57 15.42 -20.33
C ALA A 16 13.10 15.45 -19.93
N ASP A 17 12.57 14.35 -19.40
CA ASP A 17 11.16 14.33 -19.02
C ASP A 17 10.94 14.76 -17.57
N LEU A 18 11.83 15.60 -17.06
CA LEU A 18 11.73 16.09 -15.70
C LEU A 18 11.92 17.63 -15.68
N LEU A 19 11.04 18.34 -14.97
CA LEU A 19 11.17 19.79 -14.85
C LEU A 19 11.80 20.05 -13.49
N PHE A 20 13.00 20.62 -13.50
CA PHE A 20 13.70 20.91 -12.26
C PHE A 20 13.48 22.35 -11.78
N GLN A 21 13.29 22.51 -10.47
CA GLN A 21 13.11 23.82 -9.87
C GLN A 21 14.03 23.90 -8.65
N GLY A 22 14.65 25.06 -8.44
CA GLY A 22 15.55 25.22 -7.31
C GLY A 22 16.89 24.54 -7.53
N GLU A 23 17.39 23.88 -6.48
CA GLU A 23 18.67 23.20 -6.56
C GLU A 23 18.56 21.71 -6.86
N ALA A 24 17.37 21.28 -7.27
CA ALA A 24 17.15 19.87 -7.59
C ALA A 24 17.91 19.48 -8.85
N SER A 25 18.25 18.21 -8.95
CA SER A 25 18.97 17.69 -10.10
C SER A 25 19.21 16.21 -9.87
N VAL A 26 19.69 15.54 -10.92
CA VAL A 26 20.00 14.13 -10.80
C VAL A 26 21.51 14.00 -10.98
N SER A 27 22.15 13.28 -10.05
CA SER A 27 23.58 13.07 -10.05
C SER A 27 24.05 12.18 -11.20
N SER A 28 25.35 12.19 -11.43
CA SER A 28 25.93 11.38 -12.50
C SER A 28 25.71 9.90 -12.18
N THR A 29 25.38 9.62 -10.94
CA THR A 29 25.17 8.25 -10.51
C THR A 29 23.71 7.84 -10.68
N GLY A 30 22.90 8.76 -11.19
CA GLY A 30 21.50 8.45 -11.43
C GLY A 30 20.50 8.63 -10.31
N VAL A 31 20.83 9.40 -9.28
CA VAL A 31 19.86 9.61 -8.22
C VAL A 31 19.30 11.03 -8.32
N LEU A 32 17.99 11.16 -8.11
CA LEU A 32 17.35 12.45 -8.16
C LEU A 32 17.61 13.11 -6.81
N GLN A 33 18.52 14.07 -6.81
CA GLN A 33 18.86 14.76 -5.57
C GLN A 33 18.03 16.03 -5.49
N LEU A 34 16.97 15.97 -4.66
CA LEU A 34 16.08 17.10 -4.47
C LEU A 34 16.85 18.28 -3.89
N THR A 35 17.58 18.04 -2.81
CA THR A 35 18.38 19.10 -2.19
C THR A 35 19.82 18.90 -2.62
N LYS A 36 20.58 19.98 -2.65
CA LYS A 36 21.97 19.94 -3.09
C LYS A 36 22.95 19.14 -2.22
N VAL A 37 23.77 18.32 -2.86
CA VAL A 37 24.80 17.56 -2.16
C VAL A 37 26.10 17.82 -2.91
N GLU A 38 27.20 17.96 -2.16
CA GLU A 38 28.50 18.22 -2.75
C GLU A 38 29.49 17.28 -2.10
N ASN A 39 30.14 16.45 -2.91
CA ASN A 39 31.11 15.48 -2.40
C ASN A 39 30.40 14.43 -1.54
N GLY A 40 29.09 14.28 -1.76
CA GLY A 40 28.32 13.29 -1.00
C GLY A 40 27.79 13.81 0.32
N GLN A 41 27.96 15.12 0.53
CA GLN A 41 27.52 15.77 1.76
C GLN A 41 26.33 16.70 1.49
N PRO A 42 25.21 16.51 2.20
CA PRO A 42 24.05 17.39 1.97
C PRO A 42 24.34 18.84 2.42
N GLN A 43 23.94 19.81 1.59
CA GLN A 43 24.18 21.22 1.89
C GLN A 43 23.01 21.91 2.57
N LYS A 44 23.34 22.89 3.43
CA LYS A 44 22.37 23.67 4.19
C LYS A 44 21.48 24.59 3.35
N TYR A 45 20.28 24.85 3.86
CA TYR A 45 19.29 25.72 3.22
C TYR A 45 19.12 25.50 1.74
N SER A 46 18.84 24.27 1.35
CA SER A 46 18.64 23.92 -0.04
C SER A 46 17.17 23.59 -0.26
N VAL A 47 16.62 24.05 -1.37
CA VAL A 47 15.22 23.77 -1.69
C VAL A 47 15.16 23.32 -3.13
N GLY A 48 14.50 22.19 -3.37
CA GLY A 48 14.40 21.68 -4.73
C GLY A 48 13.09 21.03 -5.05
N ARG A 49 12.75 21.01 -6.33
CA ARG A 49 11.51 20.42 -6.80
C ARG A 49 11.68 19.85 -8.21
N ALA A 50 11.18 18.64 -8.40
CA ALA A 50 11.25 17.97 -9.70
C ALA A 50 9.82 17.54 -10.09
N LEU A 51 9.44 17.78 -11.34
CA LEU A 51 8.10 17.42 -11.82
C LEU A 51 8.16 16.68 -13.13
N TYR A 52 7.27 15.71 -13.33
CA TYR A 52 7.25 14.99 -14.59
C TYR A 52 6.87 16.02 -15.63
N ALA A 53 7.57 16.03 -16.75
CA ALA A 53 7.33 17.03 -17.80
C ALA A 53 5.87 17.18 -18.26
N ALA A 54 5.12 16.09 -18.36
CA ALA A 54 3.74 16.19 -18.84
C ALA A 54 2.66 16.43 -17.78
N PRO A 55 1.81 17.45 -17.99
CA PRO A 55 0.72 17.75 -17.05
C PRO A 55 -0.23 16.55 -17.05
N VAL A 56 -0.88 16.29 -15.91
CA VAL A 56 -1.80 15.17 -15.77
C VAL A 56 -3.27 15.64 -15.61
N ARG A 57 -4.17 15.01 -16.35
CA ARG A 57 -5.60 15.34 -16.29
C ARG A 57 -6.18 14.66 -15.04
N ILE A 58 -6.64 15.44 -14.08
CA ILE A 58 -7.19 14.91 -12.82
C ILE A 58 -8.71 14.71 -12.85
N TRP A 59 -9.41 15.50 -13.66
CA TRP A 59 -10.86 15.34 -13.77
C TRP A 59 -11.34 16.00 -15.05
N GLY A 60 -12.55 15.64 -15.48
CA GLY A 60 -13.12 16.21 -16.68
C GLY A 60 -14.53 16.64 -16.42
N ASN A 61 -14.84 17.92 -16.60
CA ASN A 61 -16.19 18.41 -16.35
C ASN A 61 -17.13 17.92 -17.44
N THR A 62 -16.59 17.77 -18.64
CA THR A 62 -17.37 17.29 -19.77
C THR A 62 -17.73 15.83 -19.52
N THR A 63 -16.84 15.12 -18.84
CA THR A 63 -17.00 13.69 -18.53
C THR A 63 -17.66 13.44 -17.18
N GLY A 64 -17.37 14.31 -16.21
CA GLY A 64 -17.93 14.17 -14.87
C GLY A 64 -17.06 13.33 -13.97
N SER A 65 -16.13 12.58 -14.57
CA SER A 65 -15.23 11.70 -13.83
C SER A 65 -13.99 12.34 -13.23
N VAL A 66 -13.38 11.59 -12.30
CA VAL A 66 -12.18 12.02 -11.59
C VAL A 66 -11.12 10.93 -11.68
N ALA A 67 -9.87 11.33 -11.72
CA ALA A 67 -8.79 10.36 -11.82
C ALA A 67 -8.46 9.61 -10.53
N SER A 68 -8.09 8.36 -10.70
CA SER A 68 -7.65 7.53 -9.59
C SER A 68 -6.19 7.34 -9.95
N PHE A 69 -5.30 7.36 -8.97
CA PHE A 69 -3.91 7.16 -9.30
C PHE A 69 -3.18 6.40 -8.23
N SER A 70 -1.93 6.09 -8.51
CA SER A 70 -1.09 5.36 -7.57
C SER A 70 0.36 5.63 -7.96
N THR A 71 1.20 5.96 -6.98
CA THR A 71 2.61 6.21 -7.28
C THR A 71 3.42 5.41 -6.30
N SER A 72 4.58 4.95 -6.76
CA SER A 72 5.50 4.20 -5.93
C SER A 72 6.88 4.75 -6.26
N PHE A 73 7.71 4.89 -5.24
CA PHE A 73 9.06 5.40 -5.44
C PHE A 73 9.93 4.98 -4.27
N THR A 74 11.24 4.90 -4.50
CA THR A 74 12.14 4.54 -3.44
C THR A 74 13.01 5.76 -3.15
N PHE A 75 13.29 6.00 -1.87
CA PHE A 75 14.10 7.15 -1.53
C PHE A 75 14.96 6.88 -0.31
N VAL A 76 15.95 7.75 -0.12
CA VAL A 76 16.86 7.67 0.99
C VAL A 76 17.08 9.04 1.60
N VAL A 77 17.05 9.10 2.93
CA VAL A 77 17.28 10.32 3.66
C VAL A 77 18.45 10.01 4.60
N LYS A 78 19.65 10.37 4.16
CA LYS A 78 20.88 10.12 4.92
C LYS A 78 21.39 11.41 5.52
N ALA A 79 21.51 11.43 6.85
CA ALA A 79 21.99 12.61 7.57
C ALA A 79 23.27 12.33 8.35
N PRO A 80 24.27 13.21 8.22
CA PRO A 80 25.53 13.01 8.95
C PRO A 80 25.29 13.08 10.47
N ASN A 81 24.32 13.90 10.90
CA ASN A 81 23.99 14.05 12.30
C ASN A 81 22.51 13.67 12.49
N PRO A 82 22.24 12.38 12.64
CA PRO A 82 20.90 11.82 12.81
C PRO A 82 19.96 12.43 13.86
N ASP A 83 20.49 12.70 15.05
CA ASP A 83 19.71 13.25 16.16
C ASP A 83 18.65 14.28 15.83
N ILE A 84 19.00 15.29 15.07
CA ILE A 84 18.03 16.31 14.67
C ILE A 84 18.29 16.67 13.23
N THR A 85 17.32 16.37 12.38
CA THR A 85 17.44 16.64 10.96
C THR A 85 16.30 17.53 10.45
N SER A 86 16.45 18.04 9.24
CA SER A 86 15.45 18.90 8.62
C SER A 86 15.70 18.93 7.10
N ASP A 87 14.65 19.08 6.32
CA ASP A 87 13.28 19.24 6.81
C ASP A 87 12.41 18.07 6.39
N GLY A 88 12.78 17.43 5.28
CA GLY A 88 12.01 16.32 4.77
C GLY A 88 11.64 16.56 3.32
N LEU A 89 11.02 15.56 2.70
CA LEU A 89 10.61 15.67 1.30
C LEU A 89 9.14 15.35 1.22
N ALA A 90 8.57 15.52 0.03
CA ALA A 90 7.17 15.24 -0.19
C ALA A 90 6.81 15.03 -1.65
N PHE A 91 5.81 14.19 -1.88
CA PHE A 91 5.30 13.95 -3.23
C PHE A 91 4.08 14.86 -3.30
N TYR A 92 3.86 15.55 -4.42
CA TYR A 92 2.71 16.43 -4.46
C TYR A 92 2.11 16.66 -5.85
N LEU A 93 0.88 17.20 -5.84
CA LEU A 93 0.16 17.57 -7.05
C LEU A 93 -0.15 19.06 -6.93
N ALA A 94 0.17 19.82 -7.98
CA ALA A 94 -0.07 21.26 -7.96
C ALA A 94 -0.39 21.74 -9.36
N PRO A 95 -0.73 23.03 -9.51
CA PRO A 95 -1.05 23.53 -10.85
C PRO A 95 0.19 23.36 -11.74
N PRO A 96 -0.02 23.09 -13.03
CA PRO A 96 1.05 22.88 -14.02
C PRO A 96 2.20 23.88 -13.99
N ASP A 97 1.91 25.12 -13.63
CA ASP A 97 2.95 26.15 -13.64
C ASP A 97 3.44 26.64 -12.27
N SER A 98 3.11 25.94 -11.19
CA SER A 98 3.55 26.38 -9.88
C SER A 98 5.06 26.50 -9.78
N GLN A 99 5.52 27.48 -9.00
CA GLN A 99 6.95 27.71 -8.79
C GLN A 99 7.19 27.58 -7.31
N ILE A 100 8.44 27.48 -6.90
CA ILE A 100 8.72 27.40 -5.48
C ILE A 100 8.40 28.81 -4.96
N PRO A 101 7.63 28.91 -3.87
CA PRO A 101 7.30 30.23 -3.32
C PRO A 101 8.54 30.98 -2.80
N SER A 102 8.43 32.30 -2.76
CA SER A 102 9.52 33.16 -2.30
C SER A 102 9.52 33.30 -0.77
N GLY A 103 10.71 33.28 -0.16
CA GLY A 103 10.80 33.43 1.29
C GLY A 103 11.28 32.23 2.09
N SER A 104 10.98 32.25 3.39
CA SER A 104 11.36 31.16 4.28
C SER A 104 10.48 29.96 3.98
N VAL A 105 11.00 29.02 3.20
CA VAL A 105 10.19 27.89 2.81
C VAL A 105 10.71 26.51 3.19
N SER A 106 11.80 26.45 3.95
CA SER A 106 12.38 25.17 4.35
C SER A 106 11.50 24.37 5.32
N LYS A 107 10.91 25.04 6.31
CA LYS A 107 10.05 24.35 7.26
C LYS A 107 8.69 24.02 6.62
N TYR A 108 8.53 24.41 5.36
CA TYR A 108 7.33 24.14 4.59
C TYR A 108 7.65 23.15 3.46
N LEU A 109 8.80 22.49 3.58
CA LEU A 109 9.26 21.52 2.59
C LEU A 109 9.25 22.07 1.16
N GLY A 110 9.45 23.38 1.04
CA GLY A 110 9.48 24.01 -0.27
C GLY A 110 8.13 24.14 -0.95
N LEU A 111 7.04 23.90 -0.21
CA LEU A 111 5.70 23.97 -0.77
C LEU A 111 4.87 25.20 -0.41
N PHE A 112 5.18 25.83 0.72
CA PHE A 112 4.39 26.99 1.16
C PHE A 112 5.20 28.20 1.67
N ASN A 113 4.52 29.35 1.70
CA ASN A 113 5.09 30.62 2.17
C ASN A 113 4.83 30.74 3.66
N ASN A 114 3.78 30.09 4.14
CA ASN A 114 3.38 30.14 5.55
C ASN A 114 2.51 28.94 6.00
N SER A 115 2.08 28.98 7.26
CA SER A 115 1.27 27.93 7.86
C SER A 115 -0.14 27.76 7.31
N ASN A 116 -0.76 28.85 6.90
CA ASN A 116 -2.12 28.85 6.36
C ASN A 116 -2.45 27.71 5.42
N SER A 117 -3.74 27.39 5.34
CA SER A 117 -4.24 26.35 4.44
C SER A 117 -5.07 27.03 3.37
N ASP A 118 -4.50 28.05 2.74
CA ASP A 118 -5.20 28.78 1.70
C ASP A 118 -5.71 27.93 0.55
N SER A 119 -7.02 28.00 0.34
CA SER A 119 -7.70 27.26 -0.73
C SER A 119 -7.14 27.58 -2.12
N SER A 120 -6.40 28.68 -2.23
CA SER A 120 -5.85 29.07 -3.51
C SER A 120 -4.57 28.32 -3.88
N ASN A 121 -3.91 27.75 -2.87
CA ASN A 121 -2.67 27.02 -3.09
C ASN A 121 -2.89 25.86 -4.06
N GLN A 122 -4.03 25.19 -3.93
CA GLN A 122 -4.37 24.04 -4.74
C GLN A 122 -3.22 23.05 -4.73
N ILE A 123 -2.91 22.53 -3.56
CA ILE A 123 -1.81 21.58 -3.42
C ILE A 123 -2.18 20.41 -2.54
N VAL A 124 -2.05 19.19 -3.07
CA VAL A 124 -2.31 18.01 -2.27
C VAL A 124 -0.95 17.35 -2.20
N ALA A 125 -0.46 17.10 -0.99
CA ALA A 125 0.85 16.51 -0.84
C ALA A 125 0.92 15.46 0.25
N VAL A 126 1.91 14.59 0.15
CA VAL A 126 2.16 13.57 1.17
C VAL A 126 3.59 13.87 1.61
N GLU A 127 3.74 14.33 2.85
CA GLU A 127 5.04 14.70 3.37
C GLU A 127 5.71 13.62 4.20
N PHE A 128 7.04 13.67 4.18
CA PHE A 128 7.89 12.76 4.97
C PHE A 128 8.71 13.80 5.74
N ASP A 129 8.12 14.26 6.83
CA ASP A 129 8.65 15.30 7.72
C ASP A 129 9.67 14.77 8.72
N THR A 130 10.88 15.29 8.65
CA THR A 130 11.96 14.86 9.53
C THR A 130 12.21 15.81 10.70
N TYR A 131 11.64 17.01 10.64
CA TYR A 131 11.83 18.00 11.69
C TYR A 131 10.50 18.37 12.34
N PHE A 132 10.41 18.17 13.65
CA PHE A 132 9.15 18.43 14.35
C PHE A 132 9.21 19.32 15.61
N ALA A 133 10.31 20.02 15.83
CA ALA A 133 10.41 20.88 17.00
C ALA A 133 9.39 22.01 16.90
N HIS A 134 8.62 22.19 17.97
CA HIS A 134 7.58 23.22 17.99
C HIS A 134 8.05 24.66 17.95
N SER A 135 9.35 24.87 18.11
CA SER A 135 9.86 26.23 18.08
C SER A 135 9.80 26.79 16.66
N TYR A 136 9.99 25.92 15.67
CA TYR A 136 9.96 26.34 14.26
C TYR A 136 8.82 25.73 13.47
N ASP A 137 8.37 24.56 13.92
CA ASP A 137 7.27 23.86 13.27
C ASP A 137 6.21 23.52 14.33
N PRO A 138 5.59 24.57 14.92
CA PRO A 138 4.57 24.44 15.95
C PRO A 138 3.33 23.58 15.60
N TRP A 139 3.13 23.33 14.31
CA TRP A 139 1.99 22.56 13.81
C TRP A 139 2.24 21.06 13.74
N ASP A 140 3.48 20.64 13.99
CA ASP A 140 3.86 19.23 13.90
C ASP A 140 3.70 18.38 15.15
N PRO A 141 3.43 17.07 14.97
CA PRO A 141 3.30 16.17 16.12
C PRO A 141 4.74 16.03 16.65
N ASN A 142 4.91 15.45 17.83
CA ASN A 142 6.25 15.33 18.39
C ASN A 142 7.08 14.13 18.01
N TYR A 143 7.27 13.96 16.71
CA TYR A 143 8.07 12.86 16.17
C TYR A 143 8.12 13.01 14.67
N ARG A 144 9.08 12.34 14.05
CA ARG A 144 9.18 12.40 12.60
C ARG A 144 7.87 11.76 12.16
N HIS A 145 7.30 12.25 11.06
CA HIS A 145 6.02 11.73 10.62
C HIS A 145 5.76 11.80 9.12
N ILE A 146 4.76 11.04 8.69
CA ILE A 146 4.31 11.04 7.30
C ILE A 146 2.92 11.63 7.41
N GLY A 147 2.70 12.75 6.73
CA GLY A 147 1.40 13.38 6.80
C GLY A 147 0.80 13.71 5.45
N ILE A 148 -0.53 13.84 5.44
CA ILE A 148 -1.25 14.20 4.23
C ILE A 148 -1.61 15.67 4.35
N ASP A 149 -1.13 16.47 3.41
CA ASP A 149 -1.38 17.91 3.42
C ASP A 149 -2.35 18.34 2.33
N VAL A 150 -3.18 19.33 2.63
CA VAL A 150 -4.14 19.86 1.68
C VAL A 150 -4.19 21.39 1.76
N ASN A 151 -3.50 22.05 0.83
CA ASN A 151 -3.42 23.49 0.76
C ASN A 151 -2.69 24.12 1.93
N GLY A 152 -2.07 23.29 2.76
CA GLY A 152 -1.35 23.80 3.91
C GLY A 152 -0.40 22.81 4.58
N ILE A 153 0.64 23.37 5.20
CA ILE A 153 1.66 22.56 5.85
C ILE A 153 1.16 21.84 7.09
N GLU A 154 0.03 22.27 7.65
CA GLU A 154 -0.50 21.59 8.81
C GLU A 154 -1.33 20.38 8.38
N SER A 155 -0.66 19.23 8.31
CA SER A 155 -1.28 17.99 7.88
C SER A 155 -2.67 17.73 8.46
N ILE A 156 -3.63 17.42 7.59
CA ILE A 156 -4.98 17.10 8.04
C ILE A 156 -4.98 15.71 8.67
N LYS A 157 -3.87 15.00 8.57
CA LYS A 157 -3.75 13.68 9.16
C LYS A 157 -2.33 13.15 9.07
N THR A 158 -1.85 12.55 10.15
CA THR A 158 -0.48 12.02 10.17
C THR A 158 -0.37 10.69 10.87
N VAL A 159 0.83 10.12 10.77
CA VAL A 159 1.15 8.87 11.39
C VAL A 159 2.62 8.99 11.80
N GLN A 160 3.00 8.31 12.88
CA GLN A 160 4.39 8.34 13.33
C GLN A 160 5.24 7.54 12.35
N TRP A 161 6.34 8.13 11.92
CA TRP A 161 7.25 7.48 10.99
C TRP A 161 8.63 7.31 11.62
N ASP A 162 9.08 6.06 11.72
CA ASP A 162 10.38 5.76 12.30
C ASP A 162 11.45 5.70 11.25
N TRP A 163 11.92 6.90 10.88
CA TRP A 163 12.96 7.08 9.89
C TRP A 163 14.22 6.28 10.17
N ILE A 164 14.83 5.77 9.11
CA ILE A 164 16.07 5.01 9.25
C ILE A 164 17.14 5.76 8.47
N ASN A 165 18.09 6.33 9.19
CA ASN A 165 19.17 7.10 8.57
C ASN A 165 19.87 6.30 7.48
N GLY A 166 19.68 6.71 6.23
CA GLY A 166 20.32 6.00 5.14
C GLY A 166 19.61 4.73 4.69
N GLY A 167 18.50 4.37 5.33
CA GLY A 167 17.77 3.18 4.93
C GLY A 167 16.98 3.42 3.65
N VAL A 168 16.91 2.42 2.78
CA VAL A 168 16.17 2.59 1.54
C VAL A 168 14.69 2.33 1.77
N ALA A 169 13.88 3.34 1.48
CA ALA A 169 12.45 3.26 1.68
C ALA A 169 11.67 3.06 0.40
N PHE A 170 10.62 2.28 0.49
CA PHE A 170 9.74 2.02 -0.64
C PHE A 170 8.38 2.59 -0.20
N ALA A 171 7.92 3.62 -0.91
CA ALA A 171 6.65 4.25 -0.57
C ALA A 171 5.68 4.29 -1.74
N THR A 172 4.41 4.04 -1.44
CA THR A 172 3.38 4.09 -2.46
C THR A 172 2.29 5.02 -1.96
N ILE A 173 1.71 5.80 -2.89
CA ILE A 173 0.65 6.73 -2.57
C ILE A 173 -0.47 6.40 -3.52
N THR A 174 -1.65 6.14 -2.99
CA THR A 174 -2.79 5.78 -3.82
C THR A 174 -4.03 6.65 -3.58
N TYR A 175 -4.68 7.06 -4.66
CA TYR A 175 -5.91 7.84 -4.57
C TYR A 175 -7.08 7.04 -5.15
N LEU A 176 -8.09 6.76 -4.32
CA LEU A 176 -9.26 6.03 -4.77
C LEU A 176 -10.35 7.08 -5.05
N ALA A 177 -10.43 7.53 -6.31
CA ALA A 177 -11.39 8.55 -6.71
C ALA A 177 -12.82 8.32 -6.21
N PRO A 178 -13.41 7.15 -6.49
CA PRO A 178 -14.78 6.83 -6.08
C PRO A 178 -15.00 6.99 -4.58
N ASN A 179 -13.93 6.84 -3.81
CA ASN A 179 -14.04 6.94 -2.37
C ASN A 179 -13.36 8.15 -1.76
N LYS A 180 -12.94 9.09 -2.62
CA LYS A 180 -12.28 10.34 -2.20
C LYS A 180 -11.38 10.04 -1.00
N THR A 181 -10.53 9.04 -1.16
CA THR A 181 -9.63 8.63 -0.09
C THR A 181 -8.19 8.57 -0.59
N LEU A 182 -7.30 9.32 0.05
CA LEU A 182 -5.90 9.32 -0.33
C LEU A 182 -5.17 8.55 0.74
N ILE A 183 -4.50 7.47 0.35
CA ILE A 183 -3.76 6.68 1.30
C ILE A 183 -2.27 6.67 0.96
N ALA A 184 -1.44 6.72 2.00
CA ALA A 184 0.01 6.73 1.87
C ALA A 184 0.61 5.57 2.64
N SER A 185 1.68 4.99 2.11
CA SER A 185 2.32 3.86 2.78
C SER A 185 3.85 3.83 2.59
N LEU A 186 4.57 3.41 3.62
CA LEU A 186 6.03 3.33 3.54
C LEU A 186 6.55 2.07 4.20
N VAL A 187 7.55 1.47 3.58
CA VAL A 187 8.17 0.25 4.09
C VAL A 187 9.69 0.29 3.97
N TYR A 188 10.36 -0.22 4.99
CA TYR A 188 11.82 -0.30 4.99
C TYR A 188 12.13 -1.78 4.98
N PRO A 189 12.38 -2.36 3.80
CA PRO A 189 12.68 -3.79 3.72
C PRO A 189 13.76 -4.28 4.70
N SER A 190 14.65 -3.37 5.08
CA SER A 190 15.74 -3.71 6.00
C SER A 190 15.33 -3.97 7.44
N ASN A 191 14.27 -3.33 7.91
CA ASN A 191 13.82 -3.52 9.29
C ASN A 191 12.44 -4.20 9.29
N GLN A 192 11.87 -4.32 8.09
CA GLN A 192 10.54 -4.91 7.91
C GLN A 192 9.51 -4.11 8.69
N THR A 193 9.69 -2.80 8.73
CA THR A 193 8.79 -1.88 9.42
C THR A 193 7.83 -1.25 8.40
N THR A 194 6.62 -0.94 8.84
CA THR A 194 5.62 -0.34 7.96
C THR A 194 4.94 0.84 8.60
N PHE A 195 4.47 1.77 7.77
CA PHE A 195 3.78 2.97 8.24
C PHE A 195 2.71 3.28 7.21
N SER A 196 1.55 3.74 7.65
CA SER A 196 0.46 4.07 6.72
C SER A 196 -0.53 5.11 7.24
N VAL A 197 -1.14 5.85 6.33
CA VAL A 197 -2.12 6.88 6.68
C VAL A 197 -3.11 7.07 5.56
N ALA A 198 -4.32 7.46 5.94
CA ALA A 198 -5.39 7.71 4.97
C ALA A 198 -6.20 8.92 5.43
N ALA A 199 -6.78 9.63 4.46
CA ALA A 199 -7.58 10.80 4.75
C ALA A 199 -8.56 11.04 3.64
N SER A 200 -9.69 11.67 3.96
CA SER A 200 -10.69 11.98 2.96
C SER A 200 -10.24 13.23 2.20
N VAL A 201 -10.22 13.13 0.88
CA VAL A 201 -9.80 14.21 0.00
C VAL A 201 -10.59 14.17 -1.32
N ASP A 202 -11.17 15.30 -1.71
CA ASP A 202 -11.93 15.38 -2.94
C ASP A 202 -11.15 16.23 -3.91
N LEU A 203 -10.31 15.59 -4.73
CA LEU A 203 -9.49 16.29 -5.70
C LEU A 203 -10.27 17.26 -6.58
N LYS A 204 -11.53 16.92 -6.90
CA LYS A 204 -12.34 17.81 -7.74
C LYS A 204 -12.47 19.17 -7.07
N GLU A 205 -12.57 19.15 -5.75
CA GLU A 205 -12.71 20.36 -4.94
C GLU A 205 -11.41 21.11 -4.68
N ILE A 206 -10.28 20.42 -4.72
CA ILE A 206 -9.01 21.07 -4.43
C ILE A 206 -8.19 21.50 -5.63
N LEU A 207 -7.93 20.55 -6.53
CA LEU A 207 -7.08 20.81 -7.69
C LEU A 207 -7.77 21.17 -9.00
N PRO A 208 -7.04 21.85 -9.90
CA PRO A 208 -7.63 22.22 -11.19
C PRO A 208 -7.65 20.98 -12.09
N GLU A 209 -8.31 21.10 -13.24
CA GLU A 209 -8.42 20.01 -14.21
C GLU A 209 -7.05 19.43 -14.59
N TRP A 210 -6.07 20.31 -14.79
CA TRP A 210 -4.73 19.89 -15.16
C TRP A 210 -3.78 20.24 -14.03
N VAL A 211 -2.80 19.37 -13.82
CA VAL A 211 -1.81 19.55 -12.75
C VAL A 211 -0.52 18.84 -13.13
N ARG A 212 0.57 19.23 -12.50
CA ARG A 212 1.83 18.54 -12.75
C ARG A 212 2.11 17.78 -11.45
N VAL A 213 2.77 16.63 -11.55
CA VAL A 213 3.01 15.83 -10.39
C VAL A 213 4.51 15.65 -10.13
N GLY A 214 4.91 15.55 -8.86
CA GLY A 214 6.33 15.38 -8.55
C GLY A 214 6.74 15.41 -7.09
N PHE A 215 8.00 15.82 -6.85
CA PHE A 215 8.60 15.86 -5.51
C PHE A 215 9.14 17.23 -5.10
N SER A 216 9.12 17.46 -3.79
CA SER A 216 9.61 18.71 -3.22
C SER A 216 10.35 18.38 -1.93
N ALA A 217 11.44 19.10 -1.66
CA ALA A 217 12.21 18.86 -0.45
C ALA A 217 13.04 20.09 -0.06
N ALA A 218 13.37 20.17 1.21
CA ALA A 218 14.14 21.29 1.69
C ALA A 218 15.09 20.92 2.82
N THR A 219 16.15 21.69 2.91
CA THR A 219 17.20 21.52 3.91
C THR A 219 17.25 22.81 4.72
N GLY A 220 17.59 22.71 6.00
CA GLY A 220 17.64 23.91 6.82
C GLY A 220 18.97 24.27 7.45
N TYR A 221 18.99 24.28 8.78
CA TYR A 221 20.20 24.59 9.53
C TYR A 221 21.30 23.58 9.25
N PRO A 222 22.54 24.06 9.01
CA PRO A 222 23.71 23.22 8.71
C PRO A 222 23.97 21.96 9.55
N THR A 223 23.78 22.05 10.86
CA THR A 223 24.03 20.88 11.72
C THR A 223 22.95 19.81 11.64
N GLU A 224 21.91 20.06 10.86
CA GLU A 224 20.81 19.12 10.74
C GLU A 224 20.54 18.67 9.30
N VAL A 225 21.45 18.98 8.40
CA VAL A 225 21.29 18.61 7.00
C VAL A 225 21.18 17.11 6.75
N GLU A 226 20.39 16.76 5.74
CA GLU A 226 20.15 15.38 5.33
C GLU A 226 19.89 15.38 3.82
N THR A 227 20.02 14.21 3.19
CA THR A 227 19.78 14.11 1.76
C THR A 227 18.31 13.78 1.53
N HIS A 228 17.83 14.08 0.33
CA HIS A 228 16.46 13.78 -0.05
C HIS A 228 16.59 13.19 -1.44
N ASP A 229 17.11 11.97 -1.50
CA ASP A 229 17.34 11.30 -2.76
C ASP A 229 16.28 10.28 -3.16
N VAL A 230 15.87 10.40 -4.42
CA VAL A 230 14.86 9.49 -4.96
C VAL A 230 15.57 8.61 -5.98
N LEU A 231 15.34 7.30 -5.86
CA LEU A 231 15.97 6.33 -6.76
C LEU A 231 15.08 5.79 -7.86
N SER A 232 13.80 5.59 -7.56
CA SER A 232 12.87 5.04 -8.55
C SER A 232 11.57 5.80 -8.43
N TRP A 233 10.74 5.70 -9.46
CA TRP A 233 9.47 6.38 -9.46
C TRP A 233 8.59 5.87 -10.58
N SER A 234 7.39 5.41 -10.20
CA SER A 234 6.42 4.95 -11.18
C SER A 234 5.12 5.66 -10.81
N PHE A 235 4.41 6.11 -11.84
CA PHE A 235 3.16 6.83 -11.65
C PHE A 235 2.13 6.31 -12.63
N THR A 236 0.91 6.15 -12.16
CA THR A 236 -0.16 5.68 -13.04
C THR A 236 -1.46 6.36 -12.63
N SER A 237 -2.15 6.94 -13.60
CA SER A 237 -3.42 7.59 -13.34
C SER A 237 -4.41 7.20 -14.42
N THR A 238 -5.67 7.03 -14.03
CA THR A 238 -6.68 6.65 -14.99
C THR A 238 -7.99 7.41 -14.78
N LEU A 239 -8.38 8.14 -15.82
CA LEU A 239 -9.59 8.95 -15.80
C LEU A 239 -10.72 8.21 -16.53
N SER B 1 3.82 -18.13 -18.32
CA SER B 1 3.54 -16.68 -18.47
C SER B 1 4.66 -15.84 -17.81
N ASP B 2 5.08 -14.77 -18.48
CA ASP B 2 6.14 -13.90 -17.94
C ASP B 2 5.51 -12.65 -17.36
N GLU B 3 4.23 -12.46 -17.66
CA GLU B 3 3.50 -11.31 -17.17
C GLU B 3 2.05 -11.74 -17.22
N LEU B 4 1.34 -11.59 -16.09
CA LEU B 4 -0.08 -11.93 -16.03
C LEU B 4 -0.79 -10.81 -15.31
N SER B 5 -1.93 -10.39 -15.84
CA SER B 5 -2.65 -9.32 -15.22
C SER B 5 -4.13 -9.46 -15.48
N PHE B 6 -4.93 -9.41 -14.42
CA PHE B 6 -6.38 -9.50 -14.60
C PHE B 6 -7.11 -8.66 -13.58
N THR B 7 -8.22 -8.09 -14.01
CA THR B 7 -9.04 -7.24 -13.16
C THR B 7 -10.47 -7.73 -13.23
N ILE B 8 -11.07 -8.01 -12.09
CA ILE B 8 -12.45 -8.45 -12.05
C ILE B 8 -13.21 -7.41 -11.26
N ASN B 9 -13.90 -6.49 -11.95
CA ASN B 9 -14.65 -5.45 -11.26
C ASN B 9 -15.96 -5.97 -10.69
N ASN B 10 -16.53 -6.96 -11.36
CA ASN B 10 -17.80 -7.54 -10.91
C ASN B 10 -17.79 -9.02 -11.18
N PHE B 11 -18.02 -9.80 -10.13
CA PHE B 11 -18.05 -11.24 -10.28
C PHE B 11 -19.38 -11.64 -10.90
N VAL B 12 -19.38 -12.78 -11.57
CA VAL B 12 -20.57 -13.29 -12.23
C VAL B 12 -20.83 -14.70 -11.71
N PRO B 13 -22.11 -15.11 -11.65
CA PRO B 13 -22.44 -16.46 -11.16
C PRO B 13 -21.70 -17.54 -11.94
N ASN B 14 -21.07 -18.47 -11.20
CA ASN B 14 -20.28 -19.55 -11.79
C ASN B 14 -19.15 -19.04 -12.69
N GLU B 15 -18.69 -17.82 -12.43
CA GLU B 15 -17.61 -17.18 -13.19
C GLU B 15 -16.60 -18.18 -13.73
N ALA B 16 -16.58 -18.31 -15.06
CA ALA B 16 -15.70 -19.27 -15.74
C ALA B 16 -14.21 -19.22 -15.43
N ASP B 17 -13.66 -18.04 -15.17
CA ASP B 17 -12.23 -17.95 -14.89
C ASP B 17 -11.91 -18.07 -13.41
N LEU B 18 -12.77 -18.77 -12.68
CA LEU B 18 -12.57 -18.98 -11.25
C LEU B 18 -12.77 -20.46 -10.88
N LEU B 19 -11.84 -21.02 -10.11
CA LEU B 19 -11.95 -22.41 -9.68
C LEU B 19 -12.49 -22.37 -8.25
N PHE B 20 -13.68 -22.93 -8.06
CA PHE B 20 -14.31 -22.94 -6.75
C PHE B 20 -14.04 -24.24 -5.99
N GLN B 21 -13.78 -24.12 -4.69
CA GLN B 21 -13.55 -25.28 -3.84
C GLN B 21 -14.39 -25.10 -2.58
N GLY B 22 -14.98 -26.19 -2.10
CA GLY B 22 -15.81 -26.10 -0.91
C GLY B 22 -17.16 -25.47 -1.17
N GLU B 23 -17.61 -24.62 -0.26
CA GLU B 23 -18.89 -23.95 -0.40
C GLU B 23 -18.81 -22.55 -1.03
N ALA B 24 -17.66 -22.22 -1.59
CA ALA B 24 -17.47 -20.92 -2.22
C ALA B 24 -18.31 -20.80 -3.48
N SER B 25 -18.65 -19.57 -3.82
CA SER B 25 -19.44 -19.30 -5.02
C SER B 25 -19.69 -17.80 -5.09
N VAL B 26 -20.23 -17.36 -6.21
CA VAL B 26 -20.53 -15.96 -6.38
C VAL B 26 -22.06 -15.87 -6.49
N SER B 27 -22.64 -14.96 -5.70
CA SER B 27 -24.08 -14.75 -5.66
C SER B 27 -24.61 -14.13 -6.93
N SER B 28 -25.93 -14.15 -7.07
CA SER B 28 -26.58 -13.58 -8.24
C SER B 28 -26.35 -12.08 -8.26
N THR B 29 -25.95 -11.53 -7.12
CA THR B 29 -25.72 -10.12 -7.01
C THR B 29 -24.27 -9.76 -7.35
N GLY B 30 -23.49 -10.77 -7.70
CA GLY B 30 -22.11 -10.54 -8.09
C GLY B 30 -21.03 -10.49 -7.02
N VAL B 31 -21.29 -11.01 -5.83
CA VAL B 31 -20.26 -11.00 -4.81
C VAL B 31 -19.69 -12.40 -4.64
N LEU B 32 -18.38 -12.50 -4.49
CA LEU B 32 -17.73 -13.77 -4.30
C LEU B 32 -17.90 -14.13 -2.85
N GLN B 33 -18.81 -15.06 -2.58
CA GLN B 33 -19.06 -15.48 -1.21
C GLN B 33 -18.23 -16.72 -0.90
N LEU B 34 -17.13 -16.49 -0.16
CA LEU B 34 -16.21 -17.57 0.20
C LEU B 34 -16.94 -18.59 1.06
N THR B 35 -17.60 -18.12 2.10
CA THR B 35 -18.35 -19.03 2.97
C THR B 35 -19.82 -18.90 2.57
N LYS B 36 -20.57 -19.98 2.73
CA LYS B 36 -21.99 -20.00 2.34
C LYS B 36 -22.89 -19.05 3.15
N VAL B 37 -23.79 -18.37 2.45
CA VAL B 37 -24.76 -17.46 3.08
C VAL B 37 -26.11 -17.86 2.50
N GLU B 38 -27.15 -17.83 3.33
CA GLU B 38 -28.50 -18.19 2.89
C GLU B 38 -29.45 -17.13 3.38
N ASN B 39 -30.16 -16.50 2.46
CA ASN B 39 -31.09 -15.45 2.83
C ASN B 39 -30.35 -14.24 3.39
N GLY B 40 -29.06 -14.14 3.06
CA GLY B 40 -28.26 -13.02 3.53
C GLY B 40 -27.62 -13.23 4.89
N GLN B 41 -27.76 -14.43 5.45
CA GLN B 41 -27.19 -14.70 6.75
C GLN B 41 -26.09 -15.74 6.58
N PRO B 42 -24.90 -15.50 7.14
CA PRO B 42 -23.76 -16.43 7.04
C PRO B 42 -23.99 -17.76 7.80
N GLN B 43 -23.67 -18.87 7.16
CA GLN B 43 -23.87 -20.19 7.76
C GLN B 43 -22.66 -20.74 8.50
N LYS B 44 -22.94 -21.51 9.56
CA LYS B 44 -21.92 -22.12 10.40
C LYS B 44 -21.06 -23.20 9.73
N TYR B 45 -19.84 -23.35 10.22
CA TYR B 45 -18.89 -24.34 9.71
C TYR B 45 -18.82 -24.44 8.20
N SER B 46 -18.57 -23.30 7.56
CA SER B 46 -18.45 -23.26 6.11
C SER B 46 -16.98 -23.00 5.74
N VAL B 47 -16.50 -23.68 4.71
CA VAL B 47 -15.14 -23.49 4.26
C VAL B 47 -15.17 -23.35 2.75
N GLY B 48 -14.55 -22.29 2.24
CA GLY B 48 -14.55 -22.07 0.80
C GLY B 48 -13.24 -21.51 0.25
N ARG B 49 -13.00 -21.78 -1.02
CA ARG B 49 -11.79 -21.33 -1.68
C ARG B 49 -12.04 -21.06 -3.15
N ALA B 50 -11.54 -19.93 -3.64
CA ALA B 50 -11.70 -19.55 -5.04
C ALA B 50 -10.32 -19.21 -5.60
N LEU B 51 -10.01 -19.72 -6.78
CA LEU B 51 -8.71 -19.47 -7.40
C LEU B 51 -8.86 -19.03 -8.85
N TYR B 52 -7.98 -18.13 -9.30
CA TYR B 52 -8.04 -17.68 -10.68
C TYR B 52 -7.71 -18.93 -11.51
N ALA B 53 -8.49 -19.16 -12.56
CA ALA B 53 -8.30 -20.33 -13.39
C ALA B 53 -6.88 -20.61 -13.90
N ALA B 54 -6.15 -19.57 -14.28
CA ALA B 54 -4.79 -19.78 -14.78
C ALA B 54 -3.65 -19.79 -13.76
N PRO B 55 -2.81 -20.84 -13.81
CA PRO B 55 -1.66 -20.95 -12.90
C PRO B 55 -0.71 -19.78 -13.22
N VAL B 56 -0.01 -19.29 -12.20
CA VAL B 56 0.93 -18.17 -12.36
C VAL B 56 2.39 -18.61 -12.20
N ARG B 57 3.25 -18.16 -13.10
CA ARG B 57 4.68 -18.49 -13.06
C ARG B 57 5.33 -17.55 -12.04
N ILE B 58 5.85 -18.11 -10.94
CA ILE B 58 6.48 -17.33 -9.86
C ILE B 58 8.00 -17.15 -10.02
N TRP B 59 8.65 -18.09 -10.70
CA TRP B 59 10.08 -17.98 -10.93
C TRP B 59 10.50 -18.91 -12.06
N GLY B 60 11.67 -18.65 -12.63
CA GLY B 60 12.16 -19.47 -13.72
C GLY B 60 13.59 -19.86 -13.45
N ASN B 61 13.85 -21.16 -13.38
CA ASN B 61 15.20 -21.67 -13.13
C ASN B 61 16.10 -21.43 -14.35
N THR B 62 15.49 -21.43 -15.52
CA THR B 62 16.21 -21.20 -16.76
C THR B 62 16.59 -19.72 -16.85
N THR B 63 15.73 -18.87 -16.29
CA THR B 63 15.91 -17.42 -16.30
C THR B 63 16.65 -16.89 -15.07
N GLY B 64 16.44 -17.55 -13.92
CA GLY B 64 17.06 -17.13 -12.69
C GLY B 64 16.24 -16.11 -11.92
N SER B 65 15.28 -15.49 -12.61
CA SER B 65 14.43 -14.47 -12.02
C SER B 65 13.23 -14.96 -11.21
N VAL B 66 12.67 -14.04 -10.42
CA VAL B 66 11.52 -14.30 -9.57
C VAL B 66 10.46 -13.23 -9.82
N ALA B 67 9.20 -13.62 -9.71
CA ALA B 67 8.11 -12.69 -9.95
C ALA B 67 7.87 -11.68 -8.83
N SER B 68 7.49 -10.48 -9.23
CA SER B 68 7.10 -9.44 -8.30
C SER B 68 5.61 -9.33 -8.60
N PHE B 69 4.79 -9.13 -7.58
CA PHE B 69 3.38 -9.01 -7.86
C PHE B 69 2.70 -8.03 -6.93
N SER B 70 1.43 -7.78 -7.18
CA SER B 70 0.65 -6.87 -6.38
C SER B 70 -0.82 -7.21 -6.59
N THR B 71 -1.59 -7.31 -5.52
CA THR B 71 -3.01 -7.61 -5.67
C THR B 71 -3.77 -6.60 -4.85
N SER B 72 -4.95 -6.23 -5.32
CA SER B 72 -5.83 -5.33 -4.61
C SER B 72 -7.22 -5.93 -4.73
N PHE B 73 -7.99 -5.84 -3.66
CA PHE B 73 -9.35 -6.36 -3.66
C PHE B 73 -10.14 -5.70 -2.54
N THR B 74 -11.46 -5.65 -2.71
CA THR B 74 -12.30 -5.08 -1.69
C THR B 74 -13.13 -6.20 -1.10
N PHE B 75 -13.33 -6.17 0.20
CA PHE B 75 -14.12 -7.21 0.84
C PHE B 75 -14.90 -6.69 2.01
N VAL B 76 -15.89 -7.50 2.44
CA VAL B 76 -16.73 -7.17 3.58
C VAL B 76 -16.89 -8.39 4.46
N VAL B 77 -16.79 -8.16 5.77
CA VAL B 77 -16.95 -9.20 6.77
C VAL B 77 -18.06 -8.70 7.69
N LYS B 78 -19.29 -9.12 7.41
CA LYS B 78 -20.46 -8.71 8.18
C LYS B 78 -20.93 -9.85 9.08
N ALA B 79 -20.96 -9.59 10.38
CA ALA B 79 -21.39 -10.60 11.35
C ALA B 79 -22.62 -10.14 12.13
N PRO B 80 -23.62 -11.02 12.26
CA PRO B 80 -24.83 -10.65 13.01
C PRO B 80 -24.50 -10.41 14.49
N ASN B 81 -23.51 -11.13 15.01
CA ASN B 81 -23.08 -10.99 16.40
C ASN B 81 -21.61 -10.60 16.41
N PRO B 82 -21.33 -9.30 16.27
CA PRO B 82 -19.97 -8.71 16.23
C PRO B 82 -18.98 -9.10 17.33
N ASP B 83 -19.44 -9.10 18.57
CA ASP B 83 -18.59 -9.41 19.73
C ASP B 83 -17.53 -10.50 19.55
N ILE B 84 -17.93 -11.65 19.04
CA ILE B 84 -16.97 -12.73 18.82
C ILE B 84 -17.32 -13.40 17.50
N THR B 85 -16.41 -13.29 16.55
CA THR B 85 -16.62 -13.86 15.23
C THR B 85 -15.50 -14.82 14.84
N SER B 86 -15.73 -15.58 13.78
CA SER B 86 -14.76 -16.56 13.30
C SER B 86 -15.10 -16.89 11.84
N ASP B 87 -14.09 -17.22 11.03
CA ASP B 87 -12.71 -17.28 11.47
C ASP B 87 -11.87 -16.23 10.76
N GLY B 88 -12.31 -15.85 9.57
CA GLY B 88 -11.58 -14.87 8.78
C GLY B 88 -11.31 -15.40 7.39
N LEU B 89 -10.73 -14.57 6.55
CA LEU B 89 -10.41 -14.97 5.19
C LEU B 89 -8.94 -14.68 4.93
N ALA B 90 -8.45 -15.10 3.77
CA ALA B 90 -7.06 -14.88 3.42
C ALA B 90 -6.80 -14.99 1.93
N PHE B 91 -5.81 -14.24 1.46
CA PHE B 91 -5.40 -14.29 0.06
C PHE B 91 -4.19 -15.21 0.11
N TYR B 92 -4.04 -16.11 -0.85
CA TYR B 92 -2.88 -17.00 -0.79
C TYR B 92 -2.35 -17.52 -2.12
N LEU B 93 -1.15 -18.07 -2.07
CA LEU B 93 -0.49 -18.67 -3.23
C LEU B 93 -0.17 -20.10 -2.82
N ALA B 94 -0.55 -21.06 -3.65
CA ALA B 94 -0.30 -22.47 -3.34
C ALA B 94 -0.07 -23.25 -4.62
N PRO B 95 0.29 -24.54 -4.52
CA PRO B 95 0.52 -25.30 -5.75
C PRO B 95 -0.76 -25.32 -6.57
N PRO B 96 -0.64 -25.31 -7.90
CA PRO B 96 -1.77 -25.32 -8.83
C PRO B 96 -2.91 -26.28 -8.53
N ASP B 97 -2.60 -27.42 -7.94
CA ASP B 97 -3.62 -28.43 -7.67
C ASP B 97 -4.03 -28.61 -6.20
N SER B 98 -3.62 -27.72 -5.31
CA SER B 98 -3.97 -27.85 -3.90
C SER B 98 -5.49 -27.95 -3.70
N GLN B 99 -5.89 -28.73 -2.70
CA GLN B 99 -7.30 -28.90 -2.35
C GLN B 99 -7.46 -28.46 -0.92
N ILE B 100 -8.69 -28.28 -0.47
CA ILE B 100 -8.87 -27.90 0.92
C ILE B 100 -8.52 -29.16 1.70
N PRO B 101 -7.67 -29.03 2.75
CA PRO B 101 -7.30 -30.21 3.53
C PRO B 101 -8.49 -30.83 4.27
N SER B 102 -8.37 -32.10 4.58
CA SER B 102 -9.42 -32.84 5.29
C SER B 102 -9.33 -32.64 6.81
N GLY B 103 -10.48 -32.50 7.47
CA GLY B 103 -10.48 -32.34 8.92
C GLY B 103 -10.92 -31.00 9.48
N SER B 104 -10.54 -30.74 10.74
CA SER B 104 -10.88 -29.49 11.41
C SER B 104 -10.02 -28.39 10.80
N VAL B 105 -10.60 -27.62 9.88
CA VAL B 105 -9.81 -26.61 9.21
C VAL B 105 -10.32 -25.17 9.32
N SER B 106 -11.36 -24.96 10.12
CA SER B 106 -11.91 -23.61 10.27
C SER B 106 -10.98 -22.63 10.99
N LYS B 107 -10.33 -23.08 12.06
CA LYS B 107 -9.42 -22.19 12.79
C LYS B 107 -8.12 -22.01 11.99
N TYR B 108 -8.03 -22.67 10.84
CA TYR B 108 -6.87 -22.58 9.96
C TYR B 108 -7.28 -21.86 8.67
N LEU B 109 -8.42 -21.17 8.73
CA LEU B 109 -8.96 -20.43 7.59
C LEU B 109 -9.02 -21.27 6.30
N GLY B 110 -9.21 -22.58 6.46
CA GLY B 110 -9.31 -23.47 5.33
C GLY B 110 -8.00 -23.74 4.61
N LEU B 111 -6.89 -23.37 5.21
CA LEU B 111 -5.58 -23.56 4.59
C LEU B 111 -4.71 -24.70 5.16
N PHE B 112 -4.94 -25.09 6.42
CA PHE B 112 -4.12 -26.12 7.05
C PHE B 112 -4.89 -27.20 7.86
N ASN B 113 -4.23 -28.34 8.09
CA ASN B 113 -4.81 -29.45 8.90
C ASN B 113 -4.45 -29.19 10.35
N ASN B 114 -3.32 -28.53 10.57
CA ASN B 114 -2.84 -28.27 11.92
C ASN B 114 -1.95 -27.01 12.05
N SER B 115 -1.44 -26.79 13.26
CA SER B 115 -0.60 -25.64 13.58
C SER B 115 0.77 -25.58 12.92
N ASN B 116 1.37 -26.75 12.71
CA ASN B 116 2.70 -26.87 12.11
C ASN B 116 2.97 -25.96 10.91
N SER B 117 4.25 -25.67 10.70
CA SER B 117 4.70 -24.84 9.58
C SER B 117 5.46 -25.76 8.62
N ASP B 118 4.84 -26.87 8.25
CA ASP B 118 5.48 -27.82 7.36
C ASP B 118 5.91 -27.24 6.02
N SER B 119 7.21 -27.33 5.75
CA SER B 119 7.81 -26.87 4.52
C SER B 119 7.16 -27.47 3.27
N SER B 120 6.42 -28.56 3.47
CA SER B 120 5.77 -29.26 2.37
C SER B 120 4.43 -28.63 1.94
N ASN B 121 3.91 -27.74 2.78
CA ASN B 121 2.65 -27.09 2.47
C ASN B 121 2.79 -26.16 1.27
N GLN B 122 3.94 -25.49 1.18
CA GLN B 122 4.22 -24.54 0.11
C GLN B 122 3.07 -23.55 -0.03
N ILE B 123 2.84 -22.79 1.03
CA ILE B 123 1.75 -21.82 1.03
C ILE B 123 2.16 -20.49 1.63
N VAL B 124 2.00 -19.43 0.86
CA VAL B 124 2.30 -18.10 1.37
C VAL B 124 0.92 -17.44 1.40
N ALA B 125 0.52 -16.93 2.55
CA ALA B 125 -0.81 -16.31 2.67
C ALA B 125 -0.80 -15.05 3.52
N VAL B 126 -1.82 -14.22 3.30
CA VAL B 126 -2.00 -13.00 4.08
C VAL B 126 -3.41 -13.18 4.67
N GLU B 127 -3.45 -13.38 5.97
CA GLU B 127 -4.72 -13.62 6.64
C GLU B 127 -5.36 -12.38 7.27
N PHE B 128 -6.68 -12.42 7.34
CA PHE B 128 -7.48 -11.38 7.97
C PHE B 128 -8.26 -12.22 9.00
N ASP B 129 -7.59 -12.46 10.12
CA ASP B 129 -8.06 -13.28 11.23
C ASP B 129 -9.01 -12.55 12.17
N THR B 130 -10.23 -13.07 12.29
CA THR B 130 -11.24 -12.44 13.12
C THR B 130 -11.43 -13.13 14.48
N TYR B 131 -10.86 -14.32 14.64
CA TYR B 131 -10.98 -15.06 15.89
C TYR B 131 -9.60 -15.29 16.51
N PHE B 132 -9.42 -14.82 17.74
CA PHE B 132 -8.12 -14.93 18.40
C PHE B 132 -8.09 -15.53 19.82
N ALA B 133 -9.18 -16.16 20.25
CA ALA B 133 -9.20 -16.75 21.59
C ALA B 133 -8.18 -17.89 21.66
N HIS B 134 -7.33 -17.85 22.68
CA HIS B 134 -6.30 -18.86 22.85
C HIS B 134 -6.77 -20.27 23.14
N SER B 135 -8.05 -20.44 23.43
CA SER B 135 -8.54 -21.76 23.72
C SER B 135 -8.58 -22.60 22.45
N TYR B 136 -8.84 -21.97 21.31
CA TYR B 136 -8.89 -22.68 20.04
C TYR B 136 -7.80 -22.25 19.06
N ASP B 137 -7.34 -21.01 19.22
CA ASP B 137 -6.28 -20.46 18.37
C ASP B 137 -5.16 -19.93 19.27
N PRO B 138 -4.50 -20.84 20.02
CA PRO B 138 -3.40 -20.50 20.94
C PRO B 138 -2.20 -19.75 20.34
N TRP B 139 -2.08 -19.78 19.02
CA TRP B 139 -0.98 -19.13 18.29
C TRP B 139 -1.25 -17.68 17.93
N ASP B 140 -2.47 -17.21 18.17
CA ASP B 140 -2.86 -15.85 17.81
C ASP B 140 -2.63 -14.75 18.84
N PRO B 141 -2.39 -13.51 18.36
CA PRO B 141 -2.18 -12.40 19.29
C PRO B 141 -3.59 -12.14 19.86
N ASN B 142 -3.69 -11.32 20.90
CA ASN B 142 -5.00 -11.07 21.51
C ASN B 142 -5.86 -9.97 20.93
N TYR B 143 -6.12 -10.07 19.63
CA TYR B 143 -6.96 -9.11 18.93
C TYR B 143 -7.11 -9.57 17.50
N ARG B 144 -8.11 -9.04 16.81
CA ARG B 144 -8.30 -9.40 15.42
C ARG B 144 -7.02 -8.88 14.76
N HIS B 145 -6.53 -9.60 13.77
CA HIS B 145 -5.28 -9.19 13.15
C HIS B 145 -5.11 -9.57 11.68
N ILE B 146 -4.13 -8.93 11.05
CA ILE B 146 -3.78 -9.22 9.67
C ILE B 146 -2.38 -9.80 9.81
N GLY B 147 -2.20 -11.04 9.38
CA GLY B 147 -0.90 -11.66 9.49
C GLY B 147 -0.37 -12.26 8.22
N ILE B 148 0.95 -12.40 8.14
CA ILE B 148 1.60 -13.00 6.98
C ILE B 148 1.98 -14.41 7.39
N ASP B 149 1.45 -15.40 6.66
CA ASP B 149 1.71 -16.80 6.96
C ASP B 149 2.61 -17.46 5.93
N VAL B 150 3.46 -18.37 6.39
CA VAL B 150 4.37 -19.10 5.51
C VAL B 150 4.44 -20.57 5.90
N ASN B 151 3.68 -21.39 5.19
CA ASN B 151 3.62 -22.83 5.43
C ASN B 151 2.97 -23.18 6.75
N GLY B 152 2.39 -22.20 7.42
CA GLY B 152 1.74 -22.46 8.70
C GLY B 152 0.83 -21.35 9.18
N ILE B 153 -0.17 -21.75 9.97
CA ILE B 153 -1.15 -20.82 10.50
C ILE B 153 -0.58 -19.84 11.53
N GLU B 154 0.59 -20.15 12.10
CA GLU B 154 1.18 -19.25 13.07
C GLU B 154 1.97 -18.16 12.35
N SER B 155 1.29 -17.04 12.08
CA SER B 155 1.88 -15.92 11.36
C SER B 155 3.30 -15.55 11.76
N ILE B 156 4.20 -15.43 10.79
CA ILE B 156 5.58 -15.06 11.08
C ILE B 156 5.62 -13.56 11.40
N LYS B 157 4.49 -12.89 11.21
CA LYS B 157 4.40 -11.47 11.52
C LYS B 157 2.96 -10.95 11.41
N THR B 158 2.55 -10.14 12.37
CA THR B 158 1.19 -9.62 12.37
C THR B 158 1.11 -8.16 12.78
N VAL B 159 -0.09 -7.62 12.65
CA VAL B 159 -0.38 -6.26 13.01
C VAL B 159 -1.84 -6.28 13.52
N GLN B 160 -2.14 -5.38 14.44
CA GLN B 160 -3.49 -5.32 14.97
C GLN B 160 -4.41 -4.74 13.91
N TRP B 161 -5.53 -5.41 13.68
CA TRP B 161 -6.51 -4.95 12.68
C TRP B 161 -7.84 -4.64 13.36
N ASP B 162 -8.29 -3.40 13.22
CA ASP B 162 -9.56 -2.97 13.81
C ASP B 162 -10.70 -3.13 12.84
N TRP B 163 -11.17 -4.38 12.75
CA TRP B 163 -12.27 -4.77 11.88
C TRP B 163 -13.52 -3.90 12.08
N ILE B 164 -14.22 -3.63 10.97
CA ILE B 164 -15.44 -2.84 11.03
C ILE B 164 -16.54 -3.74 10.48
N ASN B 165 -17.45 -4.14 11.36
CA ASN B 165 -18.55 -5.01 11.00
C ASN B 165 -19.33 -4.46 9.81
N GLY B 166 -19.22 -5.12 8.66
CA GLY B 166 -19.93 -4.66 7.48
C GLY B 166 -19.25 -3.51 6.73
N GLY B 167 -18.11 -3.03 7.22
CA GLY B 167 -17.43 -1.95 6.52
C GLY B 167 -16.71 -2.47 5.27
N VAL B 168 -16.69 -1.67 4.20
CA VAL B 168 -16.02 -2.11 2.99
C VAL B 168 -14.53 -1.82 3.09
N ALA B 169 -13.74 -2.87 2.95
CA ALA B 169 -12.29 -2.76 3.06
C ALA B 169 -11.61 -2.85 1.70
N PHE B 170 -10.54 -2.06 1.56
CA PHE B 170 -9.74 -2.05 0.36
C PHE B 170 -8.37 -2.52 0.81
N ALA B 171 -7.94 -3.67 0.31
CA ALA B 171 -6.65 -4.22 0.69
C ALA B 171 -5.75 -4.52 -0.50
N THR B 172 -4.46 -4.23 -0.34
CA THR B 172 -3.51 -4.50 -1.39
C THR B 172 -2.38 -5.31 -0.77
N ILE B 173 -1.87 -6.27 -1.54
CA ILE B 173 -0.77 -7.11 -1.10
C ILE B 173 0.29 -7.01 -2.19
N THR B 174 1.51 -6.67 -1.80
CA THR B 174 2.59 -6.49 -2.75
C THR B 174 3.84 -7.28 -2.40
N TYR B 175 4.43 -7.93 -3.41
CA TYR B 175 5.67 -8.67 -3.22
C TYR B 175 6.81 -8.02 -4.03
N LEU B 176 7.85 -7.57 -3.35
CA LEU B 176 8.99 -6.96 -4.01
C LEU B 176 10.06 -8.06 -4.14
N ALA B 177 10.07 -8.76 -5.26
CA ALA B 177 11.01 -9.85 -5.50
C ALA B 177 12.46 -9.54 -5.15
N PRO B 178 13.02 -8.46 -5.71
CA PRO B 178 14.41 -8.06 -5.45
C PRO B 178 14.73 -7.92 -3.97
N ASN B 179 13.71 -7.66 -3.16
CA ASN B 179 13.94 -7.46 -1.73
C ASN B 179 13.34 -8.53 -0.85
N LYS B 180 12.79 -9.55 -1.49
CA LYS B 180 12.18 -10.68 -0.77
C LYS B 180 11.35 -10.13 0.38
N THR B 181 10.49 -9.17 0.08
CA THR B 181 9.66 -8.54 1.09
C THR B 181 8.20 -8.58 0.67
N LEU B 182 7.36 -9.16 1.53
CA LEU B 182 5.93 -9.23 1.24
C LEU B 182 5.25 -8.24 2.16
N ILE B 183 4.57 -7.26 1.58
CA ILE B 183 3.87 -6.28 2.39
C ILE B 183 2.37 -6.34 2.14
N ALA B 184 1.61 -6.16 3.23
CA ALA B 184 0.14 -6.20 3.20
C ALA B 184 -0.42 -4.88 3.74
N SER B 185 -1.51 -4.42 3.16
CA SER B 185 -2.13 -3.17 3.61
C SER B 185 -3.66 -3.18 3.50
N LEU B 186 -4.33 -2.54 4.47
CA LEU B 186 -5.78 -2.48 4.47
C LEU B 186 -6.27 -1.10 4.89
N VAL B 187 -7.32 -0.64 4.22
CA VAL B 187 -7.90 0.67 4.51
C VAL B 187 -9.42 0.61 4.49
N TYR B 188 -10.03 1.34 5.42
CA TYR B 188 -11.49 1.43 5.50
C TYR B 188 -11.81 2.88 5.18
N PRO B 189 -12.12 3.19 3.92
CA PRO B 189 -12.44 4.58 3.56
C PRO B 189 -13.47 5.26 4.47
N SER B 190 -14.33 4.47 5.10
CA SER B 190 -15.37 4.99 5.99
C SER B 190 -14.88 5.56 7.32
N ASN B 191 -13.78 5.01 7.85
CA ASN B 191 -13.24 5.50 9.12
C ASN B 191 -11.87 6.15 8.89
N GLN B 192 -11.36 6.01 7.66
CA GLN B 192 -10.06 6.54 7.27
C GLN B 192 -8.98 5.91 8.14
N THR B 193 -9.15 4.63 8.47
CA THR B 193 -8.21 3.88 9.27
C THR B 193 -7.31 3.05 8.36
N THR B 194 -6.06 2.82 8.77
CA THR B 194 -5.12 2.04 7.98
C THR B 194 -4.39 1.02 8.82
N PHE B 195 -3.96 -0.07 8.18
CA PHE B 195 -3.24 -1.14 8.84
C PHE B 195 -2.24 -1.68 7.82
N SER B 196 -1.04 -2.05 8.28
CA SER B 196 -0.02 -2.57 7.37
C SER B 196 1.01 -3.48 8.05
N VAL B 197 1.57 -4.41 7.27
CA VAL B 197 2.58 -5.33 7.78
C VAL B 197 3.51 -5.76 6.67
N ALA B 198 4.74 -6.08 7.04
CA ALA B 198 5.74 -6.53 6.09
C ALA B 198 6.59 -7.63 6.73
N ALA B 199 7.10 -8.53 5.91
CA ALA B 199 7.93 -9.61 6.39
C ALA B 199 8.85 -10.09 5.29
N SER B 200 10.00 -10.64 5.68
CA SER B 200 10.93 -11.17 4.70
C SER B 200 10.44 -12.55 4.25
N VAL B 201 10.34 -12.73 2.94
CA VAL B 201 9.88 -13.98 2.34
C VAL B 201 10.58 -14.22 1.01
N ASP B 202 11.13 -15.41 0.83
CA ASP B 202 11.82 -15.75 -0.40
C ASP B 202 10.97 -16.78 -1.14
N LEU B 203 10.09 -16.30 -2.02
CA LEU B 203 9.21 -17.20 -2.76
C LEU B 203 9.96 -18.34 -3.47
N LYS B 204 11.17 -18.08 -3.94
CA LYS B 204 11.94 -19.14 -4.62
C LYS B 204 12.10 -20.32 -3.68
N GLU B 205 12.28 -20.02 -2.40
CA GLU B 205 12.49 -21.03 -1.36
C GLU B 205 11.22 -21.70 -0.87
N ILE B 206 10.09 -21.02 -0.99
CA ILE B 206 8.85 -21.60 -0.49
C ILE B 206 7.93 -22.25 -1.52
N LEU B 207 7.63 -21.53 -2.59
CA LEU B 207 6.71 -22.02 -3.61
C LEU B 207 7.32 -22.65 -4.85
N PRO B 208 6.55 -23.50 -5.54
CA PRO B 208 7.06 -24.13 -6.75
C PRO B 208 7.02 -23.11 -7.89
N GLU B 209 7.64 -23.44 -9.01
CA GLU B 209 7.66 -22.55 -10.16
C GLU B 209 6.26 -22.10 -10.59
N TRP B 210 5.30 -23.02 -10.57
CA TRP B 210 3.92 -22.67 -10.93
C TRP B 210 3.04 -22.77 -9.70
N VAL B 211 2.07 -21.86 -9.61
CA VAL B 211 1.15 -21.82 -8.48
C VAL B 211 -0.18 -21.19 -8.92
N ARG B 212 -1.22 -21.43 -8.14
CA ARG B 212 -2.49 -20.81 -8.46
C ARG B 212 -2.70 -19.78 -7.34
N VAL B 213 -3.36 -18.69 -7.65
CA VAL B 213 -3.55 -17.64 -6.67
C VAL B 213 -5.03 -17.40 -6.35
N GLY B 214 -5.35 -17.04 -5.11
CA GLY B 214 -6.73 -16.80 -4.76
C GLY B 214 -7.07 -16.52 -3.30
N PHE B 215 -8.31 -16.85 -2.92
CA PHE B 215 -8.82 -16.61 -1.56
C PHE B 215 -9.33 -17.87 -0.84
N SER B 216 -9.23 -17.82 0.49
CA SER B 216 -9.68 -18.91 1.34
C SER B 216 -10.34 -18.31 2.57
N ALA B 217 -11.40 -18.95 3.06
CA ALA B 217 -12.10 -18.45 4.24
C ALA B 217 -12.88 -19.57 4.93
N ALA B 218 -13.15 -19.37 6.21
CA ALA B 218 -13.87 -20.37 6.97
C ALA B 218 -14.74 -19.76 8.05
N THR B 219 -15.80 -20.48 8.36
CA THR B 219 -16.78 -20.10 9.36
C THR B 219 -16.77 -21.20 10.43
N GLY B 220 -17.01 -20.83 11.68
CA GLY B 220 -17.01 -21.83 12.74
C GLY B 220 -18.31 -22.03 13.50
N TYR B 221 -18.25 -21.77 14.80
CA TYR B 221 -19.42 -21.91 15.68
C TYR B 221 -20.53 -20.96 15.25
N PRO B 222 -21.78 -21.47 15.21
CA PRO B 222 -22.98 -20.71 14.81
C PRO B 222 -23.20 -19.31 15.38
N THR B 223 -22.91 -19.10 16.66
CA THR B 223 -23.12 -17.79 17.27
C THR B 223 -22.05 -16.76 16.92
N GLU B 224 -21.06 -17.18 16.13
CA GLU B 224 -19.97 -16.31 15.75
C GLU B 224 -19.79 -16.16 14.24
N VAL B 225 -20.76 -16.66 13.48
CA VAL B 225 -20.68 -16.60 12.02
C VAL B 225 -20.59 -15.18 11.46
N GLU B 226 -19.87 -15.05 10.34
CA GLU B 226 -19.67 -13.79 9.64
C GLU B 226 -19.51 -14.10 8.15
N THR B 227 -19.70 -13.09 7.30
CA THR B 227 -19.53 -13.28 5.86
C THR B 227 -18.08 -13.03 5.49
N HIS B 228 -17.68 -13.56 4.34
CA HIS B 228 -16.34 -13.38 3.82
C HIS B 228 -16.57 -13.10 2.35
N ASP B 229 -17.09 -11.91 2.07
CA ASP B 229 -17.41 -11.52 0.72
C ASP B 229 -16.38 -10.62 0.04
N VAL B 230 -16.03 -11.01 -1.18
CA VAL B 230 -15.07 -10.24 -1.96
C VAL B 230 -15.84 -9.58 -3.11
N LEU B 231 -15.63 -8.28 -3.28
CA LEU B 231 -16.33 -7.52 -4.31
C LEU B 231 -15.50 -7.22 -5.57
N SER B 232 -14.21 -6.96 -5.39
CA SER B 232 -13.33 -6.65 -6.52
C SER B 232 -12.03 -7.37 -6.34
N TRP B 233 -11.28 -7.50 -7.42
CA TRP B 233 -10.00 -8.17 -7.35
C TRP B 233 -9.18 -7.91 -8.60
N SER B 234 -7.97 -7.40 -8.41
CA SER B 234 -7.07 -7.17 -9.52
C SER B 234 -5.75 -7.78 -9.09
N PHE B 235 -5.09 -8.45 -10.04
CA PHE B 235 -3.83 -9.13 -9.79
C PHE B 235 -2.87 -8.84 -10.91
N THR B 236 -1.62 -8.58 -10.57
CA THR B 236 -0.61 -8.32 -11.58
C THR B 236 0.71 -8.91 -11.12
N SER B 237 1.36 -9.67 -11.99
CA SER B 237 2.64 -10.28 -11.67
C SER B 237 3.55 -10.12 -12.87
N THR B 238 4.84 -9.89 -12.60
CA THR B 238 5.78 -9.72 -13.69
C THR B 238 7.11 -10.43 -13.41
N LEU B 239 7.44 -11.36 -14.30
CA LEU B 239 8.65 -12.14 -14.18
C LEU B 239 9.71 -11.59 -15.12
C2 BGC C . 17.91 24.80 15.81
C3 BGC C . 17.52 24.54 14.35
C4 BGC C . 17.03 25.82 13.67
C5 BGC C . 18.03 26.97 13.89
C6 BGC C . 17.49 28.29 13.37
C1 BGC C . 18.88 25.98 15.90
O1 BGC C . 19.15 26.26 17.22
O2 BGC C . 18.52 23.64 16.38
O3 BGC C . 16.50 23.56 14.31
O4 BGC C . 16.89 25.59 12.26
O5 BGC C . 18.29 27.13 15.31
O6 BGC C . 18.51 29.28 13.33
C1 GAL C . 15.70 26.00 11.68
C2 GAL C . 15.97 26.50 10.25
C3 GAL C . 14.66 26.78 9.52
C4 GAL C . 13.78 25.53 9.56
C5 GAL C . 13.55 25.17 11.03
C6 GAL C . 12.63 23.99 11.28
O2 GAL C . 16.75 27.67 10.30
O3 GAL C . 14.92 27.17 8.16
O4 GAL C . 14.47 24.47 8.89
O5 GAL C . 14.82 24.87 11.65
O6 GAL C . 12.29 23.30 10.09
C1 SIA C . 12.99 28.52 7.79
C2 SIA C . 14.52 28.46 7.83
C3 SIA C . 15.07 28.86 6.47
C4 SIA C . 14.77 30.34 6.17
C5 SIA C . 15.25 31.24 7.32
C6 SIA C . 14.67 30.75 8.65
C7 SIA C . 15.21 31.59 9.81
C8 SIA C . 14.09 31.99 10.74
C9 SIA C . 14.65 32.65 11.99
C10 SIA C . 15.54 33.45 6.40
C11 SIA C . 15.00 34.87 6.22
N5 SIA C . 14.80 32.60 7.10
O1A SIA C . 12.38 29.25 8.61
O1B SIA C . 12.39 27.82 6.95
O4 SIA C . 15.40 30.73 4.96
O6 SIA C . 15.01 29.35 8.86
O7 SIA C . 16.19 30.85 10.53
O8 SIA C . 13.22 32.90 10.08
O9 SIA C . 13.60 32.95 12.90
O10 SIA C . 16.64 33.15 5.91
C2 BGC D . -16.69 -21.03 21.53
C3 BGC D . -16.39 -21.07 20.02
C4 BGC D . -15.90 -22.45 19.60
C5 BGC D . -16.83 -23.55 20.11
C6 BGC D . -16.29 -24.94 19.86
C1 BGC D . -17.62 -22.18 21.91
O1 BGC D . -17.78 -22.19 23.29
O2 BGC D . -17.30 -19.79 21.86
O3 BGC D . -15.38 -20.10 19.71
O4 BGC D . -15.83 -22.53 18.17
O5 BGC D . -17.02 -23.43 21.53
O6 BGC D . -17.28 -25.94 20.06
C1 GAL D . -14.65 -23.03 17.62
C2 GAL D . -14.98 -23.82 16.35
C3 GAL D . -13.69 -24.21 15.63
C4 GAL D . -12.86 -22.97 15.37
C5 GAL D . -12.56 -22.31 16.71
C6 GAL D . -11.65 -21.10 16.67
O2 GAL D . -15.73 -24.97 16.67
O3 GAL D . -14.00 -24.89 14.40
O4 GAL D . -13.60 -22.07 14.55
O5 GAL D . -13.79 -21.92 17.33
O6 GAL D . -11.37 -20.69 15.34
C1 SIA D . -12.06 -26.26 14.23
C2 SIA D . -13.59 -26.22 14.33
C3 SIA D . -14.20 -26.91 13.10
C4 SIA D . -13.87 -28.41 13.12
C5 SIA D . -14.28 -29.06 14.45
C6 SIA D . -13.65 -28.29 15.61
C7 SIA D . -14.13 -28.87 16.94
C8 SIA D . -12.93 -29.06 17.87
C9 SIA D . -13.43 -29.44 19.27
C10 SIA D . -14.55 -31.41 14.03
C11 SIA D . -13.98 -32.82 14.12
N5 SIA D . -13.80 -30.43 14.49
O1A SIA D . -11.40 -26.79 15.15
O1B SIA D . -11.52 -25.74 13.22
O4 SIA D . -14.55 -29.07 12.06
O6 SIA D . -14.01 -26.88 15.55
O7 SIA D . -15.08 -28.02 17.54
O8 SIA D . -12.08 -30.07 17.37
O9 SIA D . -12.31 -29.51 20.16
O10 SIA D . -15.66 -31.23 13.53
C1 NAG E . -15.19 22.71 -18.55
C2 NAG E . -16.16 23.71 -19.19
C3 NAG E . -15.37 24.66 -20.14
C4 NAG E . -14.30 25.35 -19.29
C5 NAG E . -13.38 24.29 -18.67
C6 NAG E . -12.28 24.90 -17.82
C7 NAG E . -18.19 22.40 -19.19
C8 NAG E . -19.27 21.67 -19.97
N2 NAG E . -17.23 23.01 -19.88
O3 NAG E . -16.24 25.62 -20.74
O4 NAG E . -13.54 26.28 -20.06
O5 NAG E . -14.15 23.39 -17.84
O6 NAG E . -12.35 24.48 -16.45
O7 NAG E . -18.24 22.40 -17.95
C1 NAG F . 4.59 34.58 -0.56
C2 NAG F . 5.42 35.40 0.45
C3 NAG F . 5.06 36.90 0.34
C4 NAG F . 5.12 37.40 -1.10
C5 NAG F . 4.32 36.47 -2.02
C6 NAG F . 4.46 36.86 -3.48
C7 NAG F . 6.04 35.10 2.77
C8 NAG F . 5.66 34.62 4.16
N2 NAG F . 5.14 34.95 1.80
O3 NAG F . 5.94 37.67 1.14
O4 NAG F . 4.58 38.72 -1.15
O5 NAG F . 4.80 35.11 -1.89
O6 NAG F . 3.23 37.35 -4.01
O7 NAG F . 7.15 35.60 2.58
C1 NAG G . -15.88 2.92 -2.77
C2 NAG G . -16.31 1.75 -1.89
C3 NAG G . -17.21 0.78 -2.65
C4 NAG G . -18.39 1.55 -3.26
C5 NAG G . -17.82 2.65 -4.16
C6 NAG G . -18.90 3.47 -4.84
C7 NAG G . -14.71 1.23 -0.17
C8 NAG G . -13.46 0.48 0.25
N2 NAG G . -15.13 1.06 -1.41
O3 NAG G . -17.70 -0.22 -1.77
O4 NAG G . -19.23 0.67 -3.99
O5 NAG G . -17.01 3.55 -3.38
O6 NAG G . -19.58 4.30 -3.90
O7 NAG G . -15.31 1.94 0.65
CA CA H . 8.39 19.91 9.98
MN MN I . 4.77 17.88 9.38
C1 NAG J . -5.46 -33.56 7.11
C2 NAG J . -4.77 -34.16 5.86
C3 NAG J . -4.74 -35.71 5.99
C4 NAG J . -4.17 -36.14 7.34
C5 NAG J . -4.96 -35.44 8.46
C6 NAG J . -4.48 -35.80 9.85
C7 NAG J . -5.00 -33.91 3.47
C8 NAG J . -5.87 -33.51 2.29
N2 NAG J . -5.53 -33.80 4.68
O3 NAG J . -3.96 -36.28 4.95
O4 NAG J . -4.28 -37.55 7.48
O5 NAG J . -4.84 -34.01 8.31
O6 NAG J . -5.29 -35.18 10.84
O7 NAG J . -3.86 -34.33 3.28
C1 NAG K . 15.79 -3.72 -2.97
C2 NAG K . 16.25 -2.38 -2.37
C3 NAG K . 17.30 -1.67 -3.26
C4 NAG K . 18.41 -2.66 -3.63
C5 NAG K . 17.75 -3.84 -4.35
C6 NAG K . 18.70 -4.86 -4.91
C7 NAG K . 14.54 -1.31 -1.04
C8 NAG K . 13.29 -0.44 -1.00
N2 NAG K . 15.07 -1.54 -2.23
O3 NAG K . 17.85 -0.56 -2.56
O4 NAG K . 19.39 -2.03 -4.47
O5 NAG K . 16.90 -4.53 -3.40
O6 NAG K . 18.94 -5.90 -3.97
O7 NAG K . 15.01 -1.75 0.01
CA CA L . -7.43 -17.18 14.31
MN MN M . -3.88 -15.47 13.14
#